data_5BUW
#
_entry.id   5BUW
#
_cell.length_a   104.075
_cell.length_b   104.075
_cell.length_c   88.325
_cell.angle_alpha   90.00
_cell.angle_beta   90.00
_cell.angle_gamma   120.00
#
_symmetry.space_group_name_H-M   'P 63'
#
loop_
_entity.id
_entity.type
_entity.pdbx_description
1 polymer '3-hydroxyacyl-[acyl-carrier-protein] dehydratase FabZ'
2 non-polymer 1,2-ETHANEDIOL
3 non-polymer 'THIOCYANATE ION'
4 water water
#
_entity_poly.entity_id   1
_entity_poly.type   'polypeptide(L)'
_entity_poly.pdbx_seq_one_letter_code
;HHHHHHSSGLVPRGSMTTDTHTLHIEEILDLLPHRFPFLLVDRVLDFEEGKFLRAVKNVSFNEPFFQGHFPGKPIFPGVL
ILEAMAQATGILAFKSRGKLEPGELYYFAGIDEARFKRPVVPGDQMIMEVEFVKERRGLTRFTGVAKVDGEIVCTATMMC
ARSKPAAPAESVVVKPDVVKPDVVKPDVVNPVVKES
;
_entity_poly.pdbx_strand_id   A,B
#
loop_
_chem_comp.id
_chem_comp.type
_chem_comp.name
_chem_comp.formula
EDO non-polymer 1,2-ETHANEDIOL 'C2 H6 O2'
SCN non-polymer 'THIOCYANATE ION' 'C N S -1'
#
# COMPACT_ATOMS: atom_id res chain seq x y z
N THR A 20 12.41 24.60 -11.30
CA THR A 20 11.93 25.38 -12.51
C THR A 20 10.69 24.72 -13.21
N HIS A 21 10.54 23.36 -13.12
CA HIS A 21 9.52 22.57 -13.90
C HIS A 21 8.39 22.05 -12.89
N THR A 22 7.43 22.86 -12.58
CA THR A 22 6.51 22.54 -11.48
C THR A 22 5.20 22.14 -12.17
N LEU A 23 4.43 21.21 -11.60
CA LEU A 23 3.11 20.89 -12.14
C LEU A 23 2.11 20.98 -10.92
N HIS A 24 1.06 21.69 -11.15
CA HIS A 24 0.02 21.88 -10.16
C HIS A 24 -1.08 20.80 -10.42
N ILE A 25 -2.17 20.82 -9.61
CA ILE A 25 -3.05 19.69 -9.64
C ILE A 25 -3.75 19.46 -10.98
N GLU A 26 -4.13 20.50 -11.69
CA GLU A 26 -4.83 20.28 -12.94
C GLU A 26 -3.91 19.56 -13.93
N GLU A 27 -2.62 19.94 -13.93
CA GLU A 27 -1.65 19.23 -14.80
C GLU A 27 -1.49 17.79 -14.39
N ILE A 28 -1.45 17.55 -13.07
CA ILE A 28 -1.44 16.17 -12.56
C ILE A 28 -2.68 15.37 -12.98
N LEU A 29 -3.90 15.92 -12.85
CA LEU A 29 -5.13 15.25 -13.20
C LEU A 29 -5.11 14.87 -14.71
N ASP A 30 -4.43 15.71 -15.52
CA ASP A 30 -4.36 15.38 -16.95
C ASP A 30 -3.39 14.25 -17.26
N LEU A 31 -2.44 13.93 -16.36
CA LEU A 31 -1.42 12.93 -16.53
C LEU A 31 -1.79 11.65 -15.93
N LEU A 32 -2.22 11.64 -14.67
CA LEU A 32 -2.58 10.42 -14.02
C LEU A 32 -4.07 10.13 -14.09
N PRO A 33 -4.45 8.86 -14.18
CA PRO A 33 -5.86 8.52 -14.22
C PRO A 33 -6.49 8.39 -12.83
N HIS A 34 -5.65 8.30 -11.79
CA HIS A 34 -6.16 8.21 -10.41
C HIS A 34 -7.02 9.42 -10.07
N ARG A 35 -8.03 9.17 -9.25
CA ARG A 35 -9.01 10.21 -8.84
C ARG A 35 -9.21 9.99 -7.33
N PHE A 36 -9.99 10.85 -6.72
CA PHE A 36 -10.36 10.71 -5.31
C PHE A 36 -11.06 9.34 -5.07
N PRO A 37 -10.73 8.68 -3.99
CA PRO A 37 -9.84 9.00 -2.89
C PRO A 37 -8.49 8.27 -3.01
N PHE A 38 -7.93 8.23 -4.23
CA PHE A 38 -6.69 7.48 -4.42
C PHE A 38 -5.69 8.27 -5.30
N LEU A 39 -5.83 9.57 -5.40
CA LEU A 39 -4.79 10.41 -6.06
C LEU A 39 -4.01 11.11 -4.95
N LEU A 40 -2.74 10.75 -4.85
CA LEU A 40 -1.90 10.98 -3.67
C LEU A 40 -0.64 11.79 -3.99
N VAL A 41 -0.67 12.48 -5.11
CA VAL A 41 0.34 13.52 -5.47
C VAL A 41 -0.35 14.86 -5.61
N ASP A 42 -0.01 15.83 -4.72
CA ASP A 42 -0.65 17.10 -4.75
C ASP A 42 0.07 18.19 -5.59
N ARG A 43 1.35 18.01 -5.78
CA ARG A 43 2.15 18.95 -6.59
C ARG A 43 3.49 18.31 -7.02
N VAL A 44 3.97 18.75 -8.17
CA VAL A 44 5.31 18.43 -8.66
C VAL A 44 6.17 19.67 -8.57
N LEU A 45 7.24 19.49 -7.82
CA LEU A 45 8.15 20.61 -7.53
C LEU A 45 9.25 20.76 -8.59
N ASP A 46 9.68 19.65 -9.15
CA ASP A 46 10.68 19.69 -10.24
C ASP A 46 10.77 18.28 -10.80
N PHE A 47 11.30 18.22 -12.03
CA PHE A 47 11.56 16.95 -12.64
C PHE A 47 12.55 17.16 -13.84
N GLU A 48 13.18 16.05 -14.21
CA GLU A 48 13.99 16.01 -15.47
C GLU A 48 13.66 14.71 -16.13
N GLU A 49 13.08 14.81 -17.29
CA GLU A 49 12.56 13.72 -18.03
C GLU A 49 13.58 12.62 -18.13
N GLY A 50 13.15 11.43 -17.90
CA GLY A 50 14.01 10.29 -17.85
C GLY A 50 14.92 10.09 -16.70
N LYS A 51 14.90 11.01 -15.72
CA LYS A 51 15.88 10.98 -14.66
C LYS A 51 15.17 10.97 -13.25
N PHE A 52 14.57 12.07 -12.96
CA PHE A 52 14.03 12.19 -11.57
C PHE A 52 12.78 13.07 -11.57
N LEU A 53 12.01 12.89 -10.46
CA LEU A 53 10.86 13.78 -10.16
C LEU A 53 10.75 13.92 -8.64
N ARG A 54 10.45 15.18 -8.25
CA ARG A 54 10.25 15.51 -6.87
C ARG A 54 8.82 16.03 -6.74
N ALA A 55 8.08 15.38 -5.85
CA ALA A 55 6.64 15.68 -5.72
C ALA A 55 6.33 15.93 -4.21
N VAL A 56 5.14 16.51 -3.95
CA VAL A 56 4.66 16.75 -2.57
C VAL A 56 3.36 16.01 -2.37
N LYS A 57 3.23 15.32 -1.25
CA LYS A 57 1.94 14.86 -0.79
C LYS A 57 1.69 15.63 0.57
N ASN A 58 0.72 16.53 0.59
CA ASN A 58 0.32 17.17 1.87
C ASN A 58 -0.54 16.17 2.63
N VAL A 59 -0.25 15.96 3.90
CA VAL A 59 -0.88 14.98 4.74
C VAL A 59 -1.78 15.82 5.63
N SER A 60 -3.07 15.59 5.50
CA SER A 60 -4.09 16.40 6.24
C SER A 60 -4.97 15.48 7.06
N PHE A 61 -5.41 15.92 8.26
CA PHE A 61 -6.37 15.12 9.00
C PHE A 61 -7.64 14.86 8.14
N ASN A 62 -8.03 15.78 7.29
CA ASN A 62 -9.30 15.70 6.56
C ASN A 62 -9.24 14.76 5.35
N GLU A 63 -8.47 13.72 5.44
CA GLU A 63 -8.42 12.70 4.39
C GLU A 63 -9.18 11.51 4.89
N PRO A 64 -9.89 10.81 4.01
CA PRO A 64 -10.83 9.80 4.48
C PRO A 64 -10.27 8.56 5.18
N PHE A 65 -9.05 8.17 4.86
CA PHE A 65 -8.46 6.95 5.50
C PHE A 65 -8.11 7.21 6.96
N PHE A 66 -7.97 8.45 7.37
CA PHE A 66 -7.55 8.72 8.80
C PHE A 66 -8.66 8.32 9.81
N GLN A 67 -9.91 8.29 9.39
CA GLN A 67 -11.07 7.81 10.22
C GLN A 67 -10.80 6.38 10.67
N GLY A 68 -10.15 5.62 9.81
CA GLY A 68 -9.89 4.17 10.09
C GLY A 68 -8.51 3.72 10.53
N HIS A 69 -7.60 4.66 10.43
CA HIS A 69 -6.19 4.40 10.55
C HIS A 69 -5.43 5.49 11.30
N PHE A 70 -5.60 5.56 12.64
CA PHE A 70 -6.49 4.77 13.45
C PHE A 70 -7.37 5.72 14.29
N PRO A 71 -8.57 5.27 14.73
CA PRO A 71 -9.40 6.10 15.62
C PRO A 71 -8.55 6.53 16.83
N GLY A 72 -8.48 7.82 17.05
CA GLY A 72 -7.72 8.39 18.21
C GLY A 72 -6.28 8.62 17.91
N LYS A 73 -5.75 8.02 16.83
CA LYS A 73 -4.35 8.10 16.52
C LYS A 73 -4.10 8.04 15.02
N PRO A 74 -4.16 9.17 14.40
CA PRO A 74 -3.97 9.26 12.94
C PRO A 74 -2.57 8.96 12.51
N ILE A 75 -2.41 7.97 11.65
CA ILE A 75 -1.11 7.56 11.15
C ILE A 75 -1.28 7.39 9.64
N PHE A 76 -0.52 8.11 8.84
CA PHE A 76 -0.65 7.94 7.35
C PHE A 76 -0.16 6.53 6.99
N PRO A 77 -0.95 5.69 6.33
CA PRO A 77 -0.54 4.32 6.08
C PRO A 77 0.74 4.24 5.30
N GLY A 78 1.69 3.39 5.73
CA GLY A 78 2.89 3.20 4.92
C GLY A 78 2.61 2.72 3.48
N VAL A 79 1.62 1.90 3.32
CA VAL A 79 1.27 1.42 1.98
C VAL A 79 0.85 2.58 1.10
N LEU A 80 0.34 3.68 1.65
CA LEU A 80 -0.02 4.81 0.84
C LEU A 80 1.17 5.70 0.49
N ILE A 81 2.25 5.60 1.26
CA ILE A 81 3.50 6.28 0.86
C ILE A 81 4.01 5.55 -0.38
N LEU A 82 3.95 4.22 -0.35
CA LEU A 82 4.39 3.46 -1.60
C LEU A 82 3.54 3.87 -2.79
N GLU A 83 2.22 3.92 -2.59
CA GLU A 83 1.32 4.40 -3.66
C GLU A 83 1.63 5.72 -4.14
N ALA A 84 1.87 6.72 -3.25
CA ALA A 84 2.10 8.02 -3.70
C ALA A 84 3.41 8.10 -4.52
N MET A 85 4.42 7.39 -4.07
CA MET A 85 5.71 7.37 -4.83
C MET A 85 5.46 6.72 -6.17
N ALA A 86 4.72 5.61 -6.22
CA ALA A 86 4.42 4.94 -7.54
C ALA A 86 3.72 5.89 -8.48
N GLN A 87 2.84 6.72 -7.93
CA GLN A 87 2.12 7.73 -8.74
C GLN A 87 3.09 8.75 -9.25
N ALA A 88 4.04 9.18 -8.42
CA ALA A 88 5.05 10.11 -8.83
C ALA A 88 5.96 9.50 -9.98
N THR A 89 6.21 8.21 -9.91
CA THR A 89 6.88 7.53 -11.09
C THR A 89 6.06 7.59 -12.29
N GLY A 90 4.74 7.45 -12.17
CA GLY A 90 3.84 7.59 -13.30
C GLY A 90 3.84 8.89 -13.94
N ILE A 91 3.88 9.96 -13.13
CA ILE A 91 3.90 11.25 -13.71
C ILE A 91 5.25 11.37 -14.53
N LEU A 92 6.32 10.98 -13.90
CA LEU A 92 7.66 11.02 -14.65
C LEU A 92 7.63 10.24 -15.97
N ALA A 93 7.15 9.03 -15.87
CA ALA A 93 6.98 8.15 -17.06
C ALA A 93 6.14 8.78 -18.15
N PHE A 94 5.05 9.49 -17.78
CA PHE A 94 4.19 10.06 -18.79
C PHE A 94 4.71 11.28 -19.39
N LYS A 95 5.36 12.11 -18.59
CA LYS A 95 5.92 13.29 -19.11
C LYS A 95 7.15 12.86 -20.02
N SER A 96 7.86 11.85 -19.59
CA SER A 96 9.13 11.47 -20.29
C SER A 96 8.89 10.68 -21.59
N ARG A 97 7.95 9.77 -21.54
CA ARG A 97 7.79 8.69 -22.55
C ARG A 97 6.47 8.76 -23.33
N GLY A 98 5.55 9.61 -22.89
CA GLY A 98 4.25 9.73 -23.48
C GLY A 98 3.10 9.38 -22.54
N LYS A 99 2.02 10.13 -22.73
CA LYS A 99 0.79 9.93 -21.96
C LYS A 99 0.19 8.64 -22.18
N LEU A 100 -0.57 8.21 -21.20
CA LEU A 100 -1.28 6.96 -21.36
C LEU A 100 -2.31 7.12 -22.46
N GLU A 101 -2.52 6.09 -23.22
CA GLU A 101 -3.65 6.08 -24.16
C GLU A 101 -4.92 5.69 -23.43
N PRO A 102 -6.11 6.19 -23.85
CA PRO A 102 -7.36 5.72 -23.19
C PRO A 102 -7.41 4.17 -23.02
N GLY A 103 -7.79 3.71 -21.83
CA GLY A 103 -7.85 2.28 -21.47
C GLY A 103 -6.51 1.59 -21.15
N GLU A 104 -5.41 2.31 -21.32
CA GLU A 104 -4.13 1.72 -20.93
C GLU A 104 -3.96 1.93 -19.40
N LEU A 105 -3.34 1.01 -18.70
CA LEU A 105 -3.08 1.40 -17.29
C LEU A 105 -1.60 1.32 -16.89
N TYR A 106 -1.28 2.10 -15.83
CA TYR A 106 0.03 2.13 -15.16
C TYR A 106 -0.01 1.29 -13.87
N TYR A 107 0.54 0.12 -14.06
CA TYR A 107 0.38 -1.03 -13.16
CA TYR A 107 0.34 -0.96 -13.13
C TYR A 107 1.57 -1.04 -12.22
N PHE A 108 1.30 -1.30 -10.98
CA PHE A 108 2.30 -1.51 -9.98
C PHE A 108 2.64 -3.01 -10.07
N ALA A 109 3.86 -3.40 -10.52
CA ALA A 109 4.19 -4.80 -10.65
C ALA A 109 4.91 -5.44 -9.47
N GLY A 110 5.64 -4.63 -8.78
CA GLY A 110 6.39 -5.12 -7.62
C GLY A 110 7.07 -4.01 -6.81
N ILE A 111 7.52 -4.46 -5.59
CA ILE A 111 8.30 -3.56 -4.74
C ILE A 111 9.43 -4.39 -4.10
N ASP A 112 10.61 -3.81 -4.12
CA ASP A 112 11.70 -4.34 -3.25
C ASP A 112 12.06 -3.37 -2.14
N GLU A 113 12.46 -3.93 -1.02
CA GLU A 113 13.09 -3.21 0.08
C GLU A 113 12.33 -1.95 0.44
N ALA A 114 11.04 -2.11 0.71
CA ALA A 114 10.36 -0.93 1.27
C ALA A 114 10.71 -0.91 2.78
N ARG A 115 11.04 0.28 3.25
CA ARG A 115 11.40 0.46 4.65
C ARG A 115 10.67 1.68 5.10
N PHE A 116 10.02 1.56 6.25
CA PHE A 116 9.29 2.64 6.87
C PHE A 116 10.06 3.09 8.15
N LYS A 117 10.50 4.32 8.22
CA LYS A 117 11.44 4.72 9.26
C LYS A 117 10.74 5.33 10.46
N ARG A 118 9.69 6.12 10.27
CA ARG A 118 8.85 6.58 11.38
C ARG A 118 7.50 7.07 10.81
N PRO A 119 6.51 7.26 11.67
CA PRO A 119 5.17 7.57 11.20
C PRO A 119 5.07 8.92 10.60
N VAL A 120 4.26 9.04 9.57
CA VAL A 120 3.95 10.25 8.94
C VAL A 120 2.51 10.62 9.42
N VAL A 121 2.27 11.91 9.70
CA VAL A 121 1.13 12.31 10.50
C VAL A 121 0.50 13.55 9.89
N PRO A 122 -0.79 13.86 10.25
CA PRO A 122 -1.37 15.11 9.85
C PRO A 122 -0.49 16.32 10.13
N GLY A 123 -0.43 17.21 9.13
CA GLY A 123 0.38 18.42 9.16
C GLY A 123 1.74 18.21 8.47
N ASP A 124 2.15 16.95 8.25
CA ASP A 124 3.43 16.66 7.50
C ASP A 124 3.25 16.98 6.06
N GLN A 125 4.26 17.63 5.48
CA GLN A 125 4.37 17.68 4.01
C GLN A 125 5.41 16.69 3.58
N MET A 126 4.98 15.66 2.83
CA MET A 126 5.81 14.52 2.53
C MET A 126 6.40 14.87 1.17
N ILE A 127 7.76 15.01 1.11
CA ILE A 127 8.45 15.36 -0.16
C ILE A 127 9.00 14.05 -0.69
N MET A 128 8.66 13.71 -1.94
CA MET A 128 8.98 12.40 -2.48
C MET A 128 9.94 12.64 -3.69
N GLU A 129 11.01 11.83 -3.75
CA GLU A 129 11.96 11.94 -4.89
C GLU A 129 12.02 10.59 -5.46
N VAL A 130 11.69 10.53 -6.76
CA VAL A 130 11.77 9.27 -7.47
C VAL A 130 12.87 9.41 -8.61
N GLU A 131 13.53 8.30 -8.82
CA GLU A 131 14.60 8.25 -9.87
C GLU A 131 14.41 7.05 -10.68
N PHE A 132 14.48 7.28 -12.00
CA PHE A 132 14.51 6.16 -12.94
C PHE A 132 15.83 5.38 -12.85
N VAL A 133 15.72 4.08 -12.80
CA VAL A 133 16.94 3.20 -12.69
C VAL A 133 17.17 2.56 -14.08
N LYS A 134 16.29 1.71 -14.48
CA LYS A 134 16.42 1.10 -15.78
C LYS A 134 15.14 0.44 -16.19
N GLU A 135 15.07 0.11 -17.48
CA GLU A 135 14.00 -0.81 -17.92
C GLU A 135 14.57 -2.22 -17.95
N ARG A 136 13.72 -3.21 -17.76
CA ARG A 136 14.18 -4.58 -17.72
C ARG A 136 13.07 -5.34 -18.41
N ARG A 137 12.58 -6.42 -17.87
CA ARG A 137 11.87 -7.33 -18.74
C ARG A 137 10.43 -6.80 -19.03
N GLY A 138 10.33 -5.72 -19.82
CA GLY A 138 9.03 -5.04 -20.05
C GLY A 138 8.58 -4.20 -18.77
N LEU A 139 9.40 -4.18 -17.72
CA LEU A 139 9.13 -3.42 -16.48
C LEU A 139 10.06 -2.24 -16.38
N THR A 140 9.64 -1.16 -15.72
CA THR A 140 10.57 -0.10 -15.40
C THR A 140 10.83 -0.02 -13.88
N ARG A 141 12.09 0.11 -13.51
CA ARG A 141 12.50 0.14 -12.14
C ARG A 141 12.82 1.53 -11.76
N PHE A 142 12.35 1.91 -10.52
CA PHE A 142 12.51 3.22 -9.97
C PHE A 142 12.92 3.08 -8.47
N THR A 143 13.68 4.03 -7.94
CA THR A 143 13.85 4.16 -6.54
C THR A 143 13.10 5.41 -6.09
N GLY A 144 12.56 5.30 -4.87
CA GLY A 144 11.97 6.41 -4.23
C GLY A 144 12.41 6.63 -2.77
N VAL A 145 12.43 7.89 -2.38
CA VAL A 145 12.74 8.28 -1.04
C VAL A 145 11.74 9.34 -0.64
N ALA A 146 11.10 9.15 0.53
CA ALA A 146 10.12 10.15 1.00
C ALA A 146 10.72 10.80 2.30
N LYS A 147 10.61 12.11 2.37
CA LYS A 147 11.10 12.87 3.46
C LYS A 147 9.97 13.73 4.07
N VAL A 148 10.15 13.98 5.36
CA VAL A 148 9.45 14.97 6.10
C VAL A 148 10.45 15.84 6.95
N ASP A 149 10.43 17.12 6.76
CA ASP A 149 11.29 18.08 7.55
C ASP A 149 12.78 17.65 7.35
N GLY A 150 13.08 17.19 6.15
CA GLY A 150 14.44 16.83 5.73
C GLY A 150 14.89 15.47 6.16
N GLU A 151 14.09 14.72 6.89
CA GLU A 151 14.46 13.44 7.33
C GLU A 151 13.70 12.33 6.51
N ILE A 152 14.42 11.26 6.21
CA ILE A 152 13.84 10.14 5.50
C ILE A 152 12.82 9.40 6.30
N VAL A 153 11.62 9.24 5.74
CA VAL A 153 10.58 8.41 6.40
C VAL A 153 10.30 7.14 5.67
N CYS A 154 10.69 7.02 4.40
CA CYS A 154 10.43 5.79 3.68
C CYS A 154 11.36 5.72 2.47
N THR A 155 11.79 4.49 2.17
CA THR A 155 12.54 4.27 0.91
C THR A 155 11.92 3.03 0.35
N ALA A 156 12.04 2.90 -0.98
CA ALA A 156 11.58 1.66 -1.65
C ALA A 156 12.09 1.64 -3.10
N THR A 157 12.12 0.45 -3.62
CA THR A 157 12.41 0.27 -5.05
C THR A 157 11.11 -0.28 -5.66
N MET A 158 10.68 0.37 -6.72
CA MET A 158 9.36 0.09 -7.33
C MET A 158 9.50 -0.35 -8.80
N MET A 159 8.74 -1.33 -9.20
CA MET A 159 8.68 -1.80 -10.62
C MET A 159 7.25 -1.55 -11.08
N CYS A 160 7.18 -0.85 -12.23
CA CYS A 160 5.87 -0.43 -12.84
C CYS A 160 5.89 -0.83 -14.34
N ALA A 161 4.71 -1.08 -14.91
CA ALA A 161 4.57 -1.52 -16.32
C ALA A 161 3.31 -0.88 -16.89
N ARG A 162 3.35 -0.53 -18.17
CA ARG A 162 2.13 -0.15 -18.92
C ARG A 162 1.50 -1.38 -19.52
N SER A 163 0.19 -1.43 -19.65
CA SER A 163 -0.44 -2.52 -20.44
C SER A 163 -1.77 -2.07 -21.01
N THR B 20 -11.84 -24.64 10.97
CA THR B 20 -12.12 -25.13 12.38
C THR B 20 -12.12 -23.90 13.32
N HIS B 21 -11.07 -23.03 13.23
CA HIS B 21 -10.90 -21.80 14.09
C HIS B 21 -11.20 -20.53 13.17
N THR B 22 -12.45 -20.16 13.11
CA THR B 22 -12.92 -19.15 12.14
C THR B 22 -13.15 -17.92 13.05
N LEU B 23 -12.92 -16.73 12.51
CA LEU B 23 -13.31 -15.54 13.23
C LEU B 23 -14.16 -14.70 12.21
N HIS B 24 -15.25 -14.18 12.71
CA HIS B 24 -16.13 -13.37 11.89
C HIS B 24 -15.84 -11.89 12.21
N ILE B 25 -16.63 -10.96 11.66
CA ILE B 25 -16.14 -9.62 11.69
C ILE B 25 -16.12 -8.98 13.08
N GLU B 26 -17.02 -9.34 13.95
CA GLU B 26 -17.03 -8.73 15.29
C GLU B 26 -15.83 -9.18 16.08
N GLU B 27 -15.44 -10.43 15.91
CA GLU B 27 -14.16 -10.87 16.50
C GLU B 27 -12.94 -10.17 15.94
N ILE B 28 -12.94 -9.95 14.64
CA ILE B 28 -11.92 -9.16 13.99
C ILE B 28 -11.87 -7.73 14.54
N LEU B 29 -13.01 -7.09 14.67
CA LEU B 29 -13.07 -5.70 15.16
C LEU B 29 -12.52 -5.63 16.59
N ASP B 30 -12.68 -6.71 17.34
CA ASP B 30 -12.12 -6.72 18.71
C ASP B 30 -10.61 -6.87 18.75
N LEU B 31 -9.99 -7.40 17.72
CA LEU B 31 -8.56 -7.63 17.63
C LEU B 31 -7.82 -6.54 16.98
N LEU B 32 -8.26 -6.11 15.79
CA LEU B 32 -7.57 -5.06 15.09
C LEU B 32 -8.16 -3.70 15.43
N PRO B 33 -7.31 -2.67 15.44
CA PRO B 33 -7.77 -1.31 15.67
C PRO B 33 -8.26 -0.61 14.42
N HIS B 34 -7.93 -1.18 13.28
CA HIS B 34 -8.34 -0.59 11.98
C HIS B 34 -9.85 -0.53 11.89
N ARG B 35 -10.35 0.51 11.24
CA ARG B 35 -11.81 0.71 11.06
C ARG B 35 -12.00 1.14 9.61
N PHE B 36 -13.24 1.38 9.24
CA PHE B 36 -13.56 1.89 7.89
C PHE B 36 -12.90 3.28 7.66
N PRO B 37 -12.33 3.48 6.46
CA PRO B 37 -12.32 2.66 5.26
C PRO B 37 -10.96 1.93 5.10
N PHE B 38 -10.40 1.39 6.21
CA PHE B 38 -9.09 0.78 6.12
C PHE B 38 -9.00 -0.53 6.90
N LEU B 39 -10.14 -1.16 7.14
CA LEU B 39 -10.15 -2.55 7.66
C LEU B 39 -10.44 -3.46 6.50
N LEU B 40 -9.47 -4.29 6.17
CA LEU B 40 -9.42 -5.02 4.90
C LEU B 40 -9.32 -6.55 5.08
N VAL B 41 -9.73 -7.01 6.22
CA VAL B 41 -9.93 -8.44 6.52
C VAL B 41 -11.41 -8.68 6.89
N ASP B 42 -12.15 -9.43 6.05
CA ASP B 42 -13.52 -9.67 6.28
C ASP B 42 -13.86 -10.93 7.07
N ARG B 43 -12.98 -11.89 7.05
CA ARG B 43 -13.21 -13.15 7.78
C ARG B 43 -11.87 -13.88 7.95
N VAL B 44 -11.74 -14.60 9.04
CA VAL B 44 -10.67 -15.61 9.23
C VAL B 44 -11.22 -17.03 9.10
N LEU B 45 -10.65 -17.72 8.14
CA LEU B 45 -11.08 -19.11 7.82
C LEU B 45 -10.39 -20.15 8.72
N ASP B 46 -9.13 -19.89 9.11
CA ASP B 46 -8.44 -20.83 9.99
C ASP B 46 -7.15 -20.18 10.40
N PHE B 47 -6.60 -20.68 11.51
CA PHE B 47 -5.33 -20.21 11.97
C PHE B 47 -4.77 -21.27 13.01
N GLU B 48 -3.46 -21.24 13.12
CA GLU B 48 -2.80 -21.96 14.23
C GLU B 48 -1.81 -21.00 14.85
N GLU B 49 -2.00 -20.75 16.10
CA GLU B 49 -1.27 -19.72 16.76
C GLU B 49 0.22 -19.90 16.60
N GLY B 50 0.91 -18.83 16.40
CA GLY B 50 2.34 -18.86 16.09
C GLY B 50 2.82 -19.40 14.77
N LYS B 51 1.90 -19.82 13.89
CA LYS B 51 2.27 -20.51 12.71
C LYS B 51 1.67 -19.82 11.44
N PHE B 52 0.37 -19.95 11.34
CA PHE B 52 -0.28 -19.47 10.09
C PHE B 52 -1.68 -18.92 10.38
N LEU B 53 -2.13 -18.09 9.41
CA LEU B 53 -3.52 -17.65 9.38
C LEU B 53 -3.99 -17.48 7.92
N ARG B 54 -5.24 -17.91 7.70
CA ARG B 54 -5.87 -17.85 6.41
C ARG B 54 -7.08 -16.94 6.53
N ALA B 55 -7.09 -15.90 5.70
CA ALA B 55 -8.16 -14.86 5.88
C ALA B 55 -8.81 -14.62 4.47
N VAL B 56 -9.99 -13.98 4.48
CA VAL B 56 -10.72 -13.62 3.22
C VAL B 56 -10.84 -12.07 3.18
N LYS B 57 -10.53 -11.52 2.04
CA LYS B 57 -10.93 -10.15 1.73
C LYS B 57 -11.94 -10.28 0.53
N ASN B 58 -13.21 -9.99 0.76
CA ASN B 58 -14.18 -9.85 -0.35
C ASN B 58 -13.96 -8.49 -1.06
N VAL B 59 -13.82 -8.52 -2.38
CA VAL B 59 -13.52 -7.41 -3.19
C VAL B 59 -14.83 -7.06 -3.83
N SER B 60 -15.35 -5.88 -3.52
CA SER B 60 -16.72 -5.46 -4.02
C SER B 60 -16.56 -4.16 -4.77
N PHE B 61 -17.39 -3.92 -5.80
CA PHE B 61 -17.37 -2.61 -6.43
C PHE B 61 -17.72 -1.52 -5.42
N ASN B 62 -18.53 -1.80 -4.45
CA ASN B 62 -19.05 -0.80 -3.50
C ASN B 62 -18.05 -0.38 -2.41
N GLU B 63 -16.79 -0.39 -2.71
CA GLU B 63 -15.73 0.03 -1.77
C GLU B 63 -15.26 1.37 -2.25
N PRO B 64 -14.95 2.27 -1.32
CA PRO B 64 -14.70 3.65 -1.72
C PRO B 64 -13.53 3.96 -2.62
N PHE B 65 -12.46 3.18 -2.52
CA PHE B 65 -11.27 3.42 -3.39
C PHE B 65 -11.52 3.15 -4.84
N PHE B 66 -12.53 2.38 -5.17
CA PHE B 66 -12.72 2.04 -6.60
C PHE B 66 -13.21 3.22 -7.44
N GLN B 67 -13.84 4.21 -6.85
CA GLN B 67 -14.21 5.49 -7.52
C GLN B 67 -12.93 6.14 -8.11
N GLY B 68 -11.81 5.95 -7.44
CA GLY B 68 -10.56 6.60 -7.87
C GLY B 68 -9.51 5.75 -8.61
N HIS B 69 -9.76 4.47 -8.57
CA HIS B 69 -8.80 3.48 -8.96
C HIS B 69 -9.36 2.29 -9.73
N PHE B 70 -9.78 2.49 -10.98
CA PHE B 70 -9.76 3.78 -11.67
C PHE B 70 -11.14 4.04 -12.30
N PRO B 71 -11.50 5.31 -12.60
CA PRO B 71 -12.78 5.57 -13.24
C PRO B 71 -12.88 4.76 -14.55
N GLY B 72 -13.94 3.99 -14.66
CA GLY B 72 -14.14 3.19 -15.88
C GLY B 72 -13.51 1.81 -15.78
N LYS B 73 -12.55 1.61 -14.85
CA LYS B 73 -11.80 0.37 -14.80
C LYS B 73 -11.34 0.06 -13.37
N PRO B 74 -12.22 -0.58 -12.65
CA PRO B 74 -11.92 -0.92 -11.24
C PRO B 74 -10.83 -1.95 -11.05
N ILE B 75 -9.79 -1.56 -10.32
CA ILE B 75 -8.67 -2.42 -10.08
C ILE B 75 -8.34 -2.31 -8.59
N PHE B 76 -8.43 -3.39 -7.86
CA PHE B 76 -8.09 -3.32 -6.40
C PHE B 76 -6.58 -2.94 -6.28
N PRO B 77 -6.22 -1.92 -5.55
CA PRO B 77 -4.82 -1.49 -5.51
C PRO B 77 -3.91 -2.54 -4.92
N GLY B 78 -2.79 -2.80 -5.60
CA GLY B 78 -1.85 -3.75 -5.06
C GLY B 78 -1.42 -3.39 -3.62
N VAL B 79 -1.24 -2.11 -3.39
CA VAL B 79 -0.82 -1.67 -2.05
C VAL B 79 -1.82 -2.09 -1.00
N LEU B 80 -3.10 -2.19 -1.34
CA LEU B 80 -4.06 -2.64 -0.37
C LEU B 80 -4.09 -4.13 -0.15
N ILE B 81 -3.55 -4.89 -1.11
CA ILE B 81 -3.33 -6.34 -0.85
C ILE B 81 -2.26 -6.44 0.22
N LEU B 82 -1.20 -5.64 0.10
CA LEU B 82 -0.09 -5.68 1.13
C LEU B 82 -0.69 -5.33 2.48
N GLU B 83 -1.55 -4.29 2.50
CA GLU B 83 -2.22 -3.96 3.74
C GLU B 83 -3.07 -4.93 4.29
N ALA B 84 -3.90 -5.60 3.46
CA ALA B 84 -4.78 -6.60 3.97
C ALA B 84 -4.00 -7.77 4.58
N MET B 85 -2.95 -8.17 3.90
CA MET B 85 -2.07 -9.26 4.43
C MET B 85 -1.43 -8.84 5.74
N ALA B 86 -0.92 -7.62 5.81
CA ALA B 86 -0.32 -7.10 7.10
C ALA B 86 -1.33 -7.14 8.21
N GLN B 87 -2.57 -6.80 7.88
CA GLN B 87 -3.68 -6.93 8.88
C GLN B 87 -3.90 -8.34 9.32
N ALA B 88 -3.88 -9.27 8.39
CA ALA B 88 -4.02 -10.65 8.72
C ALA B 88 -2.83 -11.15 9.64
N THR B 89 -1.66 -10.64 9.39
CA THR B 89 -0.50 -10.92 10.37
C THR B 89 -0.83 -10.37 11.73
N GLY B 90 -1.40 -9.17 11.83
CA GLY B 90 -1.80 -8.62 13.10
C GLY B 90 -2.78 -9.43 13.85
N ILE B 91 -3.78 -9.97 13.15
CA ILE B 91 -4.73 -10.78 13.81
C ILE B 91 -3.99 -12.06 14.37
N LEU B 92 -3.15 -12.64 13.54
CA LEU B 92 -2.31 -13.84 14.06
C LEU B 92 -1.49 -13.48 15.31
N ALA B 93 -0.77 -12.39 15.21
CA ALA B 93 0.07 -11.85 16.30
C ALA B 93 -0.73 -11.64 17.56
N PHE B 94 -1.98 -11.11 17.43
CA PHE B 94 -2.76 -10.81 18.62
C PHE B 94 -3.37 -11.99 19.24
N LYS B 95 -3.84 -12.94 18.44
CA LYS B 95 -4.40 -14.11 18.96
C LYS B 95 -3.21 -14.98 19.59
N SER B 96 -2.04 -14.93 18.99
CA SER B 96 -0.91 -15.83 19.41
C SER B 96 -0.16 -15.30 20.64
N ARG B 97 0.04 -13.99 20.71
CA ARG B 97 0.97 -13.33 21.64
C ARG B 97 0.33 -12.33 22.62
N GLY B 98 -0.93 -12.00 22.37
CA GLY B 98 -1.69 -11.13 23.22
C GLY B 98 -2.18 -9.90 22.45
N LYS B 99 -3.32 -9.44 22.90
CA LYS B 99 -3.95 -8.27 22.34
C LYS B 99 -3.19 -7.04 22.52
N LEU B 100 -3.41 -6.08 21.63
CA LEU B 100 -2.80 -4.77 21.78
C LEU B 100 -3.32 -4.16 23.05
N GLU B 101 -2.47 -3.48 23.77
CA GLU B 101 -2.94 -2.66 24.88
C GLU B 101 -3.42 -1.29 24.35
N PRO B 102 -4.38 -0.63 25.07
CA PRO B 102 -4.84 0.71 24.63
C PRO B 102 -3.66 1.65 24.26
N GLY B 103 -3.73 2.32 23.10
CA GLY B 103 -2.63 3.22 22.62
C GLY B 103 -1.40 2.56 21.97
N GLU B 104 -1.33 1.23 22.02
CA GLU B 104 -0.20 0.56 21.38
C GLU B 104 -0.60 0.43 19.92
N LEU B 105 0.36 0.45 19.04
CA LEU B 105 -0.10 0.07 17.71
C LEU B 105 0.81 -0.95 17.00
N TYR B 106 0.22 -1.52 15.93
CA TYR B 106 0.84 -2.54 15.09
C TYR B 106 1.30 -1.92 13.77
N TYR B 107 2.60 -1.68 13.78
CA TYR B 107 3.29 -0.87 12.79
CA TYR B 107 3.26 -0.88 12.78
C TYR B 107 3.76 -1.79 11.63
N PHE B 108 3.56 -1.32 10.44
CA PHE B 108 4.14 -1.91 9.30
C PHE B 108 5.57 -1.36 9.22
N ALA B 109 6.61 -2.17 9.37
CA ALA B 109 7.97 -1.65 9.31
C ALA B 109 8.73 -1.74 7.97
N GLY B 110 8.41 -2.78 7.24
CA GLY B 110 9.08 -3.04 5.97
C GLY B 110 8.36 -4.07 5.16
N ILE B 111 8.78 -4.09 3.85
CA ILE B 111 8.31 -5.15 2.95
C ILE B 111 9.48 -5.55 2.05
N ASP B 112 9.66 -6.84 1.91
CA ASP B 112 10.54 -7.40 0.84
C ASP B 112 9.77 -8.15 -0.21
N GLU B 113 10.25 -8.02 -1.45
CA GLU B 113 9.82 -8.87 -2.56
C GLU B 113 8.32 -8.94 -2.70
N ALA B 114 7.71 -7.75 -2.75
CA ALA B 114 6.26 -7.80 -3.09
C ALA B 114 6.20 -7.97 -4.61
N ARG B 115 5.35 -8.88 -5.01
CA ARG B 115 5.14 -9.13 -6.41
C ARG B 115 3.64 -9.22 -6.62
N PHE B 116 3.22 -8.52 -7.66
CA PHE B 116 1.81 -8.47 -8.08
C PHE B 116 1.68 -9.23 -9.45
N LYS B 117 0.91 -10.29 -9.48
CA LYS B 117 0.89 -11.22 -10.64
C LYS B 117 -0.17 -10.87 -11.62
N ARG B 118 -1.33 -10.48 -11.14
CA ARG B 118 -2.39 -9.98 -12.03
C ARG B 118 -3.44 -9.20 -11.22
N PRO B 119 -4.30 -8.45 -11.91
CA PRO B 119 -5.22 -7.57 -11.19
C PRO B 119 -6.27 -8.29 -10.49
N VAL B 120 -6.60 -7.83 -9.30
CA VAL B 120 -7.67 -8.28 -8.54
C VAL B 120 -8.86 -7.25 -8.78
N VAL B 121 -10.09 -7.79 -8.86
CA VAL B 121 -11.20 -7.04 -9.40
C VAL B 121 -12.43 -7.24 -8.56
N PRO B 122 -13.43 -6.35 -8.73
CA PRO B 122 -14.72 -6.64 -8.12
C PRO B 122 -15.29 -8.03 -8.46
N GLY B 123 -15.86 -8.66 -7.43
CA GLY B 123 -16.33 -10.04 -7.48
C GLY B 123 -15.33 -11.09 -7.01
N ASP B 124 -14.05 -10.73 -6.95
CA ASP B 124 -12.95 -11.66 -6.46
C ASP B 124 -13.08 -11.81 -5.01
N GLN B 125 -12.94 -13.05 -4.55
CA GLN B 125 -12.73 -13.30 -3.12
C GLN B 125 -11.26 -13.62 -2.96
N MET B 126 -10.56 -12.76 -2.21
CA MET B 126 -9.11 -12.79 -2.16
C MET B 126 -8.84 -13.61 -0.90
N ILE B 127 -8.17 -14.78 -1.07
CA ILE B 127 -7.87 -15.65 0.06
C ILE B 127 -6.44 -15.39 0.40
N MET B 128 -6.13 -15.10 1.67
CA MET B 128 -4.79 -14.68 1.99
C MET B 128 -4.26 -15.66 3.04
N GLU B 129 -2.99 -16.03 2.88
CA GLU B 129 -2.34 -16.96 3.85
C GLU B 129 -1.09 -16.31 4.28
N VAL B 130 -0.98 -16.07 5.60
CA VAL B 130 0.20 -15.51 6.18
C VAL B 130 0.88 -16.59 7.15
N GLU B 131 2.17 -16.56 7.13
CA GLU B 131 2.96 -17.51 7.98
C GLU B 131 3.99 -16.72 8.68
N PHE B 132 4.09 -17.00 10.00
CA PHE B 132 5.14 -16.45 10.84
C PHE B 132 6.51 -17.07 10.45
N VAL B 133 7.50 -16.25 10.27
CA VAL B 133 8.86 -16.75 9.94
C VAL B 133 9.77 -16.70 11.19
N LYS B 134 10.01 -15.54 11.69
CA LYS B 134 10.87 -15.38 12.86
C LYS B 134 10.73 -14.03 13.41
N GLU B 135 11.20 -13.88 14.64
CA GLU B 135 11.37 -12.53 15.21
C GLU B 135 12.85 -12.19 15.01
N ARG B 136 13.18 -10.92 14.90
CA ARG B 136 14.56 -10.52 14.60
C ARG B 136 14.67 -9.01 14.77
N ARG B 137 15.56 -8.56 15.64
CA ARG B 137 15.51 -7.20 16.20
C ARG B 137 14.15 -7.18 16.86
N GLY B 138 13.59 -6.05 17.26
CA GLY B 138 12.19 -6.12 17.77
C GLY B 138 11.16 -6.13 16.58
N LEU B 139 11.49 -6.77 15.45
CA LEU B 139 10.56 -6.93 14.29
C LEU B 139 10.09 -8.37 14.18
N THR B 140 8.90 -8.61 13.66
CA THR B 140 8.47 -9.95 13.33
C THR B 140 8.30 -10.04 11.81
N ARG B 141 8.81 -11.13 11.25
CA ARG B 141 8.82 -11.37 9.85
C ARG B 141 7.78 -12.38 9.50
N PHE B 142 6.97 -12.08 8.43
CA PHE B 142 5.92 -12.95 7.98
C PHE B 142 6.02 -13.08 6.45
N THR B 143 5.54 -14.17 5.87
CA THR B 143 5.34 -14.26 4.46
C THR B 143 3.83 -14.28 4.25
N GLY B 144 3.44 -13.73 3.10
CA GLY B 144 2.07 -13.78 2.72
C GLY B 144 1.89 -14.15 1.22
N VAL B 145 0.82 -14.86 0.97
CA VAL B 145 0.45 -15.18 -0.37
C VAL B 145 -1.03 -14.95 -0.53
N ALA B 146 -1.44 -14.25 -1.58
CA ALA B 146 -2.87 -13.99 -1.76
C ALA B 146 -3.31 -14.73 -3.07
N LYS B 147 -4.45 -15.41 -3.00
CA LYS B 147 -4.97 -16.11 -4.11
C LYS B 147 -6.38 -15.62 -4.45
N VAL B 148 -6.68 -15.77 -5.74
CA VAL B 148 -8.02 -15.71 -6.26
C VAL B 148 -8.27 -16.96 -7.19
N ASP B 149 -9.34 -17.65 -6.91
CA ASP B 149 -9.78 -18.86 -7.71
C ASP B 149 -8.59 -19.83 -7.78
N GLY B 150 -7.86 -19.92 -6.68
CA GLY B 150 -6.77 -20.86 -6.52
C GLY B 150 -5.49 -20.46 -7.13
N GLU B 151 -5.41 -19.30 -7.76
CA GLU B 151 -4.23 -18.86 -8.34
C GLU B 151 -3.61 -17.67 -7.57
N ILE B 152 -2.30 -17.66 -7.50
CA ILE B 152 -1.56 -16.57 -6.82
C ILE B 152 -1.66 -15.27 -7.51
N VAL B 153 -2.10 -14.23 -6.78
CA VAL B 153 -2.14 -12.87 -7.32
C VAL B 153 -1.13 -11.99 -6.65
N CYS B 154 -0.60 -12.34 -5.48
CA CYS B 154 0.37 -11.49 -4.83
C CYS B 154 1.17 -12.33 -3.82
N THR B 155 2.48 -12.04 -3.74
CA THR B 155 3.28 -12.55 -2.65
C THR B 155 4.05 -11.43 -2.06
N ALA B 156 4.42 -11.58 -0.79
CA ALA B 156 5.30 -10.60 -0.18
C ALA B 156 5.83 -11.11 1.18
N THR B 157 6.91 -10.50 1.60
CA THR B 157 7.46 -10.76 2.93
C THR B 157 7.31 -9.43 3.67
N MET B 158 6.75 -9.52 4.86
CA MET B 158 6.37 -8.33 5.62
C MET B 158 7.05 -8.32 7.02
N MET B 159 7.49 -7.18 7.46
CA MET B 159 8.04 -7.00 8.81
C MET B 159 7.12 -6.02 9.54
N CYS B 160 6.70 -6.46 10.76
CA CYS B 160 5.73 -5.73 11.62
C CYS B 160 6.29 -5.64 13.04
N ALA B 161 5.94 -4.55 13.73
CA ALA B 161 6.48 -4.26 15.12
C ALA B 161 5.33 -3.64 15.94
N ARG B 162 5.27 -4.00 17.22
CA ARG B 162 4.38 -3.30 18.17
C ARG B 162 5.18 -2.16 18.77
N SER B 163 4.66 -0.94 18.80
CA SER B 163 5.28 0.08 19.66
C SER B 163 4.49 0.19 20.97
C1 EDO C . -0.82 2.08 -8.91
O1 EDO C . -2.03 2.75 -8.40
C2 EDO C . 0.15 3.14 -9.38
O2 EDO C . -0.39 3.63 -10.63
C1 EDO D . -8.97 4.98 1.60
O1 EDO D . -9.46 6.24 1.81
C2 EDO D . -9.25 4.66 0.33
O2 EDO D . -10.56 4.24 0.26
S SCN E . 1.09 1.54 10.93
C SCN E . 1.11 1.70 9.41
N SCN E . 1.09 1.86 8.29
C1 EDO F . -0.93 -2.80 9.49
O1 EDO F . -1.38 -2.65 10.86
C2 EDO F . -0.71 -1.33 9.06
O2 EDO F . -1.96 -0.62 8.82
S SCN G . -2.47 -0.82 -10.79
C SCN G . -2.35 -1.11 -9.27
N SCN G . -2.26 -1.25 -8.15
S SCN H . 2.48 -15.27 15.33
C SCN H . 3.04 -13.91 15.58
N SCN H . 3.52 -12.80 15.87
S SCN I . 6.82 -18.95 23.49
C SCN I . 7.64 -17.72 23.62
N SCN I . 8.35 -16.70 23.73
#